data_4GNT
#
_entry.id   4GNT
#
_cell.length_a   115.864
_cell.length_b   115.864
_cell.length_c   59.470
_cell.angle_alpha   90.00
_cell.angle_beta   90.00
_cell.angle_gamma   90.00
#
_symmetry.space_group_name_H-M   'P 42 2 2'
#
loop_
_entity.id
_entity.type
_entity.pdbx_description
1 polymer '14-3-3 protein beta/alpha'
2 polymer 'Carbohydrate-responsive element-binding protein'
3 non-polymer 'SULFATE ION'
4 water water
#
loop_
_entity_poly.entity_id
_entity_poly.type
_entity_poly.pdbx_seq_one_letter_code
_entity_poly.pdbx_strand_id
1 'polypeptide(L)'
;MTMDKSELVQKAKLAEQAERYDDMAAAMKAVTEQGHELSNEERNLLSVAYKNVVGARRSSWRVISSIEQKTERNEKKQQM
GKEYREKIEAELQDICNDVLELLDKYLILNATQAESKVFYLKMKGDYFRYLSEVASGENKQTTVSNSQQAYQEAFEISKK
EMQPTHPIRLGLALNFSVFYYEILNSPEKACSLAKTAFDEAIAELDTLNEESYKDSTLIMQLLRDNLTLWTSENQGDEGE
NLYFQ
;
A
2 'polypeptide(L)' RDKIRLNNAIWRAWYIQYVQR B
#
loop_
_chem_comp.id
_chem_comp.type
_chem_comp.name
_chem_comp.formula
SO4 non-polymer 'SULFATE ION' 'O4 S -2'
#
# COMPACT_ATOMS: atom_id res chain seq x y z
N THR A 2 -3.56 -2.99 31.92
CA THR A 2 -4.04 -2.85 30.54
C THR A 2 -4.65 -4.16 30.01
N MET A 3 -4.30 -4.51 28.78
CA MET A 3 -4.86 -5.70 28.14
C MET A 3 -3.76 -6.61 27.60
N ASP A 4 -4.03 -7.92 27.57
CA ASP A 4 -3.08 -8.88 27.03
C ASP A 4 -3.22 -9.03 25.52
N LYS A 5 -2.30 -9.76 24.90
CA LYS A 5 -2.26 -9.88 23.45
C LYS A 5 -3.58 -10.41 22.87
N SER A 6 -4.11 -11.48 23.47
CA SER A 6 -5.36 -12.06 22.99
C SER A 6 -6.50 -11.04 23.07
N GLU A 7 -6.58 -10.34 24.20
CA GLU A 7 -7.57 -9.28 24.41
C GLU A 7 -7.43 -8.17 23.38
N LEU A 8 -6.20 -7.78 23.10
CA LEU A 8 -5.94 -6.72 22.13
C LEU A 8 -6.38 -7.14 20.73
N VAL A 9 -6.19 -8.41 20.40
CA VAL A 9 -6.52 -8.91 19.07
C VAL A 9 -8.04 -8.98 18.90
N GLN A 10 -8.73 -9.43 19.93
CA GLN A 10 -10.19 -9.48 19.88
C GLN A 10 -10.76 -8.06 19.76
N LYS A 11 -10.16 -7.14 20.52
CA LYS A 11 -10.54 -5.73 20.45
C LYS A 11 -10.37 -5.22 19.04
N ALA A 12 -9.29 -5.65 18.38
CA ALA A 12 -9.00 -5.25 17.02
C ALA A 12 -10.06 -5.77 16.04
N LYS A 13 -10.59 -6.96 16.33
CA LYS A 13 -11.62 -7.55 15.48
C LYS A 13 -12.97 -6.85 15.63
N LEU A 14 -13.31 -6.50 16.87
CA LEU A 14 -14.49 -5.68 17.16
C LEU A 14 -14.40 -4.34 16.43
N ALA A 15 -13.29 -3.64 16.65
CA ALA A 15 -13.05 -2.35 16.01
C ALA A 15 -13.23 -2.47 14.50
N GLU A 16 -12.67 -3.52 13.92
CA GLU A 16 -12.78 -3.71 12.48
C GLU A 16 -14.24 -3.83 12.06
N GLN A 17 -14.99 -4.62 12.81
CA GLN A 17 -16.42 -4.80 12.49
C GLN A 17 -17.22 -3.52 12.71
N ALA A 18 -16.82 -2.75 13.72
CA ALA A 18 -17.47 -1.47 14.01
C ALA A 18 -16.98 -0.38 13.07
N GLU A 19 -16.06 -0.75 12.18
CA GLU A 19 -15.43 0.20 11.25
C GLU A 19 -14.75 1.36 11.98
N ARG A 20 -14.19 1.09 13.15
CA ARG A 20 -13.38 2.06 13.87
C ARG A 20 -11.90 1.72 13.72
N TYR A 21 -11.33 2.16 12.60
CA TYR A 21 -10.01 1.71 12.17
C TYR A 21 -8.85 2.35 12.94
N ASP A 22 -9.05 3.54 13.49
CA ASP A 22 -8.02 4.15 14.32
C ASP A 22 -7.84 3.33 15.60
N ASP A 23 -8.94 2.91 16.18
CA ASP A 23 -8.93 2.02 17.34
C ASP A 23 -8.21 0.72 17.01
N MET A 24 -8.57 0.14 15.87
CA MET A 24 -8.01 -1.11 15.42
C MET A 24 -6.48 -1.02 15.29
N ALA A 25 -6.03 0.03 14.62
CA ALA A 25 -4.61 0.27 14.44
C ALA A 25 -3.89 0.46 15.77
N ALA A 26 -4.57 1.07 16.74
CA ALA A 26 -3.97 1.27 18.05
C ALA A 26 -3.73 -0.06 18.76
N ALA A 27 -4.71 -0.96 18.64
CA ALA A 27 -4.63 -2.28 19.27
C ALA A 27 -3.54 -3.15 18.64
N MET A 28 -3.49 -3.15 17.31
CA MET A 28 -2.50 -3.96 16.61
C MET A 28 -1.11 -3.38 16.82
N LYS A 29 -1.06 -2.07 17.06
CA LYS A 29 0.19 -1.39 17.33
C LYS A 29 0.74 -1.87 18.67
N ALA A 30 -0.14 -1.92 19.67
CA ALA A 30 0.26 -2.44 20.98
C ALA A 30 0.80 -3.86 20.86
N VAL A 31 0.02 -4.71 20.20
CA VAL A 31 0.42 -6.11 20.01
C VAL A 31 1.81 -6.19 19.39
N THR A 32 2.04 -5.45 18.32
CA THR A 32 3.32 -5.45 17.63
C THR A 32 4.44 -5.04 18.57
N GLU A 33 4.20 -3.97 19.33
CA GLU A 33 5.20 -3.42 20.24
C GLU A 33 5.54 -4.37 21.36
N GLN A 34 4.74 -5.42 21.54
CA GLN A 34 5.10 -6.46 22.50
C GLN A 34 6.38 -7.22 22.08
N GLY A 35 6.77 -7.07 20.82
CA GLY A 35 8.07 -7.54 20.38
C GLY A 35 8.16 -8.94 19.81
N HIS A 36 7.06 -9.67 19.79
CA HIS A 36 7.07 -11.04 19.29
C HIS A 36 6.53 -11.14 17.87
N GLU A 37 7.02 -12.13 17.12
CA GLU A 37 6.62 -12.30 15.73
C GLU A 37 5.12 -12.49 15.63
N LEU A 38 4.52 -11.89 14.60
CA LEU A 38 3.08 -11.94 14.42
C LEU A 38 2.63 -13.17 13.65
N SER A 39 1.53 -13.77 14.08
CA SER A 39 0.87 -14.84 13.34
C SER A 39 0.34 -14.24 12.04
N ASN A 40 -0.01 -15.10 11.09
CA ASN A 40 -0.58 -14.62 9.85
C ASN A 40 -1.84 -13.81 10.10
N GLU A 41 -2.66 -14.26 11.05
CA GLU A 41 -3.88 -13.56 11.39
C GLU A 41 -3.57 -12.15 11.88
N GLU A 42 -2.73 -12.05 12.89
CA GLU A 42 -2.34 -10.76 13.47
C GLU A 42 -1.77 -9.85 12.41
N ARG A 43 -0.85 -10.38 11.61
CA ARG A 43 -0.19 -9.63 10.55
C ARG A 43 -1.22 -8.99 9.60
N ASN A 44 -2.20 -9.80 9.21
CA ASN A 44 -3.26 -9.31 8.33
C ASN A 44 -4.12 -8.24 8.99
N LEU A 45 -4.34 -8.38 10.29
CA LEU A 45 -5.10 -7.39 11.06
C LEU A 45 -4.41 -6.03 11.06
N LEU A 46 -3.10 -6.04 11.34
CA LEU A 46 -2.29 -4.84 11.34
C LEU A 46 -2.35 -4.15 9.98
N SER A 47 -2.12 -4.95 8.94
CA SER A 47 -2.12 -4.45 7.57
C SER A 47 -3.45 -3.76 7.21
N VAL A 48 -4.55 -4.45 7.45
CA VAL A 48 -5.88 -3.91 7.16
C VAL A 48 -6.13 -2.61 7.92
N ALA A 49 -5.80 -2.63 9.20
CA ALA A 49 -6.03 -1.48 10.08
C ALA A 49 -5.37 -0.23 9.53
N TYR A 50 -4.07 -0.32 9.27
CA TYR A 50 -3.36 0.86 8.78
C TYR A 50 -3.71 1.23 7.34
N LYS A 51 -4.12 0.24 6.56
N LYS A 51 -4.10 0.25 6.54
CA LYS A 51 -4.52 0.46 5.18
CA LYS A 51 -4.51 0.51 5.17
C LYS A 51 -5.75 1.35 5.13
C LYS A 51 -5.75 1.40 5.15
N ASN A 52 -6.67 1.13 6.07
CA ASN A 52 -7.88 1.93 6.17
C ASN A 52 -7.64 3.29 6.80
N VAL A 53 -6.85 3.33 7.86
CA VAL A 53 -6.52 4.60 8.51
C VAL A 53 -5.87 5.57 7.53
N VAL A 54 -4.82 5.11 6.87
CA VAL A 54 -4.09 5.95 5.92
C VAL A 54 -4.93 6.19 4.69
N GLY A 55 -5.77 5.22 4.36
CA GLY A 55 -6.61 5.30 3.17
C GLY A 55 -7.56 6.47 3.25
N ALA A 56 -8.18 6.64 4.41
CA ALA A 56 -9.11 7.75 4.61
C ALA A 56 -8.42 9.09 4.31
N ARG A 57 -7.20 9.24 4.83
CA ARG A 57 -6.45 10.48 4.65
C ARG A 57 -6.02 10.71 3.20
N ARG A 58 -5.60 9.65 2.51
CA ARG A 58 -5.21 9.75 1.10
C ARG A 58 -6.38 10.19 0.23
N SER A 59 -7.54 9.59 0.51
CA SER A 59 -8.76 9.94 -0.17
C SER A 59 -9.16 11.41 0.05
N SER A 60 -9.09 11.88 1.30
CA SER A 60 -9.41 13.27 1.61
C SER A 60 -8.45 14.21 0.89
N TRP A 61 -7.19 13.80 0.83
CA TRP A 61 -6.15 14.60 0.22
C TRP A 61 -6.41 14.75 -1.27
N ARG A 62 -6.80 13.66 -1.92
CA ARG A 62 -7.13 13.69 -3.34
C ARG A 62 -8.34 14.58 -3.62
N VAL A 63 -9.36 14.50 -2.77
CA VAL A 63 -10.53 15.35 -2.93
C VAL A 63 -10.15 16.83 -2.88
N ILE A 64 -9.41 17.19 -1.84
CA ILE A 64 -9.04 18.58 -1.61
C ILE A 64 -8.16 19.10 -2.74
N SER A 65 -7.32 18.24 -3.29
CA SER A 65 -6.43 18.62 -4.39
C SER A 65 -7.21 18.88 -5.67
N SER A 66 -8.13 17.96 -5.99
CA SER A 66 -9.00 18.14 -7.14
C SER A 66 -9.66 19.51 -7.02
N ILE A 67 -10.17 19.82 -5.83
CA ILE A 67 -10.81 21.10 -5.60
C ILE A 67 -9.85 22.28 -5.77
N GLU A 68 -8.58 22.06 -5.43
CA GLU A 68 -7.56 23.10 -5.49
C GLU A 68 -7.22 23.47 -6.93
N GLN A 69 -7.74 22.70 -7.86
CA GLN A 69 -7.51 22.98 -9.28
C GLN A 69 -8.68 23.75 -9.90
N LYS A 70 -8.70 25.06 -9.64
CA LYS A 70 -9.71 25.95 -10.20
C LYS A 70 -9.40 27.39 -9.80
N THR A 71 -9.45 28.29 -10.76
CA THR A 71 -9.18 29.71 -10.50
C THR A 71 -10.09 30.24 -9.40
N GLU A 72 -9.49 30.90 -8.42
CA GLU A 72 -10.24 31.44 -7.29
C GLU A 72 -9.70 32.81 -6.89
N ARG A 73 -10.27 33.85 -7.49
CA ARG A 73 -9.79 35.22 -7.31
C ARG A 73 -9.50 35.55 -5.84
N ASN A 74 -10.47 35.31 -4.97
CA ASN A 74 -10.26 35.51 -3.55
C ASN A 74 -9.16 34.59 -3.01
N GLU A 75 -8.01 35.19 -2.72
CA GLU A 75 -6.82 34.43 -2.31
C GLU A 75 -7.05 33.61 -1.03
N LYS A 76 -8.13 33.91 -0.32
CA LYS A 76 -8.39 33.26 0.95
C LYS A 76 -9.12 31.92 0.79
N LYS A 77 -9.63 31.66 -0.40
CA LYS A 77 -10.32 30.40 -0.67
C LYS A 77 -9.35 29.37 -1.22
N GLN A 78 -8.56 29.78 -2.21
CA GLN A 78 -7.48 28.94 -2.71
C GLN A 78 -6.50 28.68 -1.58
N GLN A 79 -6.19 29.74 -0.84
CA GLN A 79 -5.24 29.67 0.26
C GLN A 79 -5.81 28.82 1.39
N MET A 80 -7.09 29.02 1.68
CA MET A 80 -7.77 28.24 2.69
C MET A 80 -7.61 26.75 2.40
N GLY A 81 -8.01 26.35 1.20
CA GLY A 81 -7.91 24.97 0.77
C GLY A 81 -6.49 24.46 0.82
N LYS A 82 -5.52 25.35 0.61
CA LYS A 82 -4.12 24.95 0.66
C LYS A 82 -3.71 24.57 2.08
N GLU A 83 -4.09 25.39 3.04
CA GLU A 83 -3.75 25.16 4.44
C GLU A 83 -4.45 23.90 4.95
N TYR A 84 -5.67 23.67 4.47
CA TYR A 84 -6.41 22.47 4.84
C TYR A 84 -5.70 21.23 4.29
N ARG A 85 -5.18 21.35 3.07
CA ARG A 85 -4.44 20.27 2.46
C ARG A 85 -3.19 19.96 3.26
N GLU A 86 -2.54 21.00 3.77
CA GLU A 86 -1.32 20.84 4.55
C GLU A 86 -1.61 20.11 5.86
N LYS A 87 -2.72 20.47 6.50
CA LYS A 87 -3.18 19.77 7.70
C LYS A 87 -3.30 18.27 7.41
N ILE A 88 -4.06 17.94 6.37
CA ILE A 88 -4.24 16.54 6.01
C ILE A 88 -2.91 15.83 5.77
N GLU A 89 -1.99 16.49 5.08
CA GLU A 89 -0.67 15.94 4.82
C GLU A 89 0.08 15.65 6.12
N ALA A 90 -0.13 16.48 7.13
CA ALA A 90 0.54 16.29 8.41
C ALA A 90 0.01 15.03 9.09
N GLU A 91 -1.31 14.88 9.14
CA GLU A 91 -1.90 13.67 9.72
C GLU A 91 -1.33 12.44 9.03
N LEU A 92 -1.36 12.49 7.70
CA LEU A 92 -0.94 11.41 6.83
C LEU A 92 0.51 10.98 7.14
N GLN A 93 1.38 11.97 7.27
CA GLN A 93 2.80 11.72 7.55
C GLN A 93 3.01 11.12 8.93
N ASP A 94 2.17 11.51 9.89
CA ASP A 94 2.25 10.93 11.23
C ASP A 94 1.89 9.45 11.22
N ILE A 95 0.83 9.10 10.51
CA ILE A 95 0.41 7.72 10.35
C ILE A 95 1.51 6.88 9.68
N CYS A 96 1.95 7.33 8.51
CA CYS A 96 2.96 6.59 7.75
C CYS A 96 4.24 6.41 8.57
N ASN A 97 4.60 7.44 9.33
CA ASN A 97 5.82 7.37 10.13
C ASN A 97 5.68 6.41 11.32
N ASP A 98 4.46 6.28 11.85
CA ASP A 98 4.19 5.28 12.87
C ASP A 98 4.39 3.87 12.30
N VAL A 99 3.79 3.62 11.15
CA VAL A 99 3.90 2.33 10.48
C VAL A 99 5.37 1.97 10.20
N LEU A 100 6.09 2.92 9.62
CA LEU A 100 7.48 2.68 9.25
C LEU A 100 8.34 2.44 10.49
N GLU A 101 7.97 3.09 11.59
CA GLU A 101 8.63 2.86 12.86
C GLU A 101 8.44 1.41 13.28
N LEU A 102 7.20 0.93 13.27
CA LEU A 102 6.90 -0.46 13.60
C LEU A 102 7.72 -1.43 12.74
N LEU A 103 7.77 -1.16 11.45
CA LEU A 103 8.42 -2.05 10.49
C LEU A 103 9.91 -2.15 10.76
N ASP A 104 10.52 -1.03 11.13
CA ASP A 104 11.97 -0.99 11.38
C ASP A 104 12.40 -1.47 12.77
N LYS A 105 11.54 -1.30 13.77
CA LYS A 105 11.88 -1.69 15.13
C LYS A 105 11.52 -3.14 15.46
N TYR A 106 10.44 -3.64 14.88
CA TYR A 106 9.90 -4.92 15.31
C TYR A 106 9.73 -5.96 14.21
N LEU A 107 9.14 -5.57 13.08
CA LEU A 107 8.62 -6.55 12.14
C LEU A 107 9.61 -7.15 11.15
N ILE A 108 10.34 -6.30 10.43
CA ILE A 108 11.20 -6.78 9.36
C ILE A 108 12.40 -7.59 9.89
N LEU A 109 13.05 -7.06 10.92
CA LEU A 109 14.24 -7.69 11.47
C LEU A 109 13.95 -9.07 12.06
N ASN A 110 12.78 -9.23 12.65
CA ASN A 110 12.44 -10.47 13.35
C ASN A 110 11.68 -11.47 12.49
N ALA A 111 11.40 -11.08 11.25
CA ALA A 111 10.68 -11.94 10.31
C ALA A 111 11.47 -13.22 10.02
N THR A 112 10.89 -14.36 10.35
CA THR A 112 11.54 -15.66 10.15
C THR A 112 11.37 -16.14 8.71
N GLN A 113 10.14 -16.38 8.31
CA GLN A 113 9.84 -16.88 6.97
C GLN A 113 10.06 -15.80 5.91
N ALA A 114 10.58 -16.20 4.76
CA ALA A 114 10.81 -15.28 3.64
C ALA A 114 9.50 -14.63 3.19
N GLU A 115 8.39 -15.32 3.38
CA GLU A 115 7.08 -14.79 3.03
C GLU A 115 6.78 -13.56 3.89
N SER A 116 7.03 -13.68 5.19
CA SER A 116 6.82 -12.59 6.14
C SER A 116 7.72 -11.40 5.81
N LYS A 117 8.99 -11.70 5.55
CA LYS A 117 9.97 -10.69 5.17
C LYS A 117 9.47 -9.88 3.98
N VAL A 118 9.07 -10.58 2.92
CA VAL A 118 8.57 -9.94 1.71
C VAL A 118 7.33 -9.09 1.99
N PHE A 119 6.45 -9.60 2.85
CA PHE A 119 5.22 -8.89 3.19
C PHE A 119 5.53 -7.55 3.87
N TYR A 120 6.46 -7.57 4.81
CA TYR A 120 6.80 -6.38 5.57
C TYR A 120 7.58 -5.36 4.74
N LEU A 121 8.47 -5.84 3.87
CA LEU A 121 9.24 -4.96 3.00
C LEU A 121 8.33 -4.30 1.96
N LYS A 122 7.31 -5.03 1.52
CA LYS A 122 6.31 -4.48 0.61
C LYS A 122 5.48 -3.42 1.33
N MET A 123 5.17 -3.66 2.59
CA MET A 123 4.46 -2.70 3.40
C MET A 123 5.27 -1.40 3.53
N LYS A 124 6.57 -1.54 3.76
CA LYS A 124 7.48 -0.42 3.88
C LYS A 124 7.50 0.40 2.59
N GLY A 125 7.58 -0.32 1.46
CA GLY A 125 7.53 0.31 0.15
C GLY A 125 6.24 1.09 -0.05
N ASP A 126 5.12 0.48 0.34
CA ASP A 126 3.80 1.11 0.22
C ASP A 126 3.75 2.42 0.99
N TYR A 127 4.22 2.42 2.24
CA TYR A 127 4.05 3.59 3.09
C TYR A 127 5.01 4.73 2.76
N PHE A 128 6.22 4.38 2.32
CA PHE A 128 7.10 5.40 1.74
C PHE A 128 6.53 5.95 0.43
N ARG A 129 5.82 5.12 -0.32
CA ARG A 129 5.15 5.57 -1.54
C ARG A 129 4.01 6.57 -1.23
N TYR A 130 3.28 6.32 -0.16
CA TYR A 130 2.21 7.22 0.26
C TYR A 130 2.81 8.55 0.66
N LEU A 131 3.90 8.50 1.44
CA LEU A 131 4.59 9.72 1.80
C LEU A 131 4.99 10.47 0.53
N SER A 132 5.42 9.72 -0.48
CA SER A 132 5.88 10.33 -1.73
C SER A 132 4.77 11.07 -2.45
N GLU A 133 3.56 10.53 -2.36
CA GLU A 133 2.41 11.13 -3.05
C GLU A 133 2.18 12.57 -2.61
N VAL A 134 2.59 12.90 -1.38
CA VAL A 134 2.36 14.24 -0.84
C VAL A 134 3.66 14.95 -0.46
N ALA A 135 4.79 14.27 -0.65
CA ALA A 135 6.06 14.83 -0.20
C ALA A 135 6.50 16.03 -1.03
N SER A 136 7.37 16.82 -0.42
CA SER A 136 7.83 18.08 -1.00
C SER A 136 9.26 17.95 -1.50
N GLY A 137 9.75 19.01 -2.14
CA GLY A 137 11.07 19.06 -2.75
C GLY A 137 12.15 18.08 -2.33
N GLU A 138 12.89 18.43 -1.28
CA GLU A 138 14.06 17.64 -0.87
C GLU A 138 13.63 16.34 -0.18
N ASN A 139 12.59 16.45 0.64
CA ASN A 139 12.04 15.30 1.34
C ASN A 139 11.52 14.25 0.36
N LYS A 140 11.04 14.71 -0.79
CA LYS A 140 10.45 13.79 -1.76
C LYS A 140 11.48 12.81 -2.30
N GLN A 141 12.69 13.31 -2.55
CA GLN A 141 13.78 12.47 -3.02
C GLN A 141 14.04 11.33 -2.03
N THR A 142 14.15 11.69 -0.74
CA THR A 142 14.36 10.72 0.32
C THR A 142 13.28 9.65 0.30
N THR A 143 12.04 10.10 0.36
CA THR A 143 10.87 9.22 0.41
C THR A 143 10.79 8.24 -0.77
N VAL A 144 11.02 8.76 -1.97
CA VAL A 144 11.00 7.96 -3.19
C VAL A 144 12.11 6.91 -3.19
N SER A 145 13.30 7.31 -2.77
CA SER A 145 14.42 6.39 -2.73
C SER A 145 14.14 5.25 -1.74
N ASN A 146 13.68 5.59 -0.55
CA ASN A 146 13.40 4.56 0.45
C ASN A 146 12.31 3.60 0.00
N SER A 147 11.30 4.13 -0.68
CA SER A 147 10.27 3.31 -1.25
C SER A 147 10.86 2.30 -2.24
N GLN A 148 11.61 2.80 -3.20
CA GLN A 148 12.19 1.94 -4.23
C GLN A 148 13.12 0.88 -3.66
N GLN A 149 13.85 1.24 -2.61
CA GLN A 149 14.79 0.32 -1.97
C GLN A 149 14.06 -0.84 -1.33
N ALA A 150 13.01 -0.51 -0.57
CA ALA A 150 12.16 -1.53 0.05
C ALA A 150 11.51 -2.47 -0.99
N TYR A 151 10.94 -1.90 -2.04
CA TYR A 151 10.31 -2.67 -3.10
C TYR A 151 11.31 -3.58 -3.81
N GLN A 152 12.52 -3.07 -4.00
CA GLN A 152 13.56 -3.78 -4.73
C GLN A 152 14.03 -4.99 -3.93
N GLU A 153 14.31 -4.79 -2.64
CA GLU A 153 14.70 -5.91 -1.79
C GLU A 153 13.61 -6.98 -1.70
N ALA A 154 12.37 -6.55 -1.50
CA ALA A 154 11.25 -7.49 -1.46
C ALA A 154 11.14 -8.29 -2.75
N PHE A 155 11.37 -7.62 -3.87
CA PHE A 155 11.23 -8.20 -5.21
C PHE A 155 12.29 -9.26 -5.47
N GLU A 156 13.52 -8.98 -5.05
CA GLU A 156 14.61 -9.94 -5.25
C GLU A 156 14.38 -11.17 -4.38
N ILE A 157 14.13 -10.92 -3.10
CA ILE A 157 13.84 -12.00 -2.16
C ILE A 157 12.72 -12.89 -2.67
N SER A 158 11.68 -12.30 -3.26
CA SER A 158 10.49 -13.04 -3.66
C SER A 158 10.72 -13.84 -4.93
N LYS A 159 11.51 -13.28 -5.85
CA LYS A 159 11.85 -13.99 -7.07
C LYS A 159 12.71 -15.20 -6.76
N LYS A 160 13.46 -15.12 -5.66
CA LYS A 160 14.31 -16.23 -5.25
C LYS A 160 13.58 -17.30 -4.41
N GLU A 161 12.60 -16.87 -3.62
CA GLU A 161 12.09 -17.71 -2.54
C GLU A 161 10.62 -18.15 -2.68
N MET A 162 9.87 -17.49 -3.53
CA MET A 162 8.45 -17.82 -3.68
C MET A 162 8.09 -18.18 -5.12
N GLN A 163 6.95 -18.85 -5.28
CA GLN A 163 6.47 -19.20 -6.61
C GLN A 163 5.72 -18.03 -7.24
N PRO A 164 5.79 -17.92 -8.58
CA PRO A 164 5.27 -16.76 -9.31
C PRO A 164 3.77 -16.54 -9.09
N THR A 165 3.07 -17.56 -8.59
CA THR A 165 1.64 -17.45 -8.36
C THR A 165 1.32 -17.06 -6.92
N HIS A 166 2.35 -16.96 -6.09
CA HIS A 166 2.13 -16.63 -4.68
C HIS A 166 1.53 -15.23 -4.57
N PRO A 167 0.42 -15.12 -3.83
CA PRO A 167 -0.30 -13.84 -3.74
C PRO A 167 0.59 -12.72 -3.21
N ILE A 168 1.48 -13.01 -2.27
CA ILE A 168 2.36 -11.97 -1.75
C ILE A 168 3.27 -11.45 -2.86
N ARG A 169 3.85 -12.38 -3.63
CA ARG A 169 4.73 -12.01 -4.72
C ARG A 169 3.99 -11.23 -5.81
N LEU A 170 2.81 -11.70 -6.17
CA LEU A 170 1.98 -11.04 -7.18
C LEU A 170 1.61 -9.62 -6.78
N GLY A 171 1.16 -9.45 -5.54
CA GLY A 171 0.76 -8.16 -5.03
C GLY A 171 1.94 -7.22 -4.94
N LEU A 172 3.10 -7.76 -4.61
CA LEU A 172 4.32 -6.99 -4.62
C LEU A 172 4.53 -6.41 -6.01
N ALA A 173 4.45 -7.26 -7.02
CA ALA A 173 4.61 -6.81 -8.40
C ALA A 173 3.59 -5.72 -8.77
N LEU A 174 2.35 -5.88 -8.32
CA LEU A 174 1.29 -4.92 -8.58
C LEU A 174 1.67 -3.54 -8.05
N ASN A 175 1.97 -3.50 -6.75
CA ASN A 175 2.28 -2.23 -6.10
C ASN A 175 3.56 -1.58 -6.60
N PHE A 176 4.54 -2.40 -6.99
CA PHE A 176 5.83 -1.92 -7.47
C PHE A 176 5.67 -1.28 -8.84
N SER A 177 4.87 -1.92 -9.69
CA SER A 177 4.58 -1.36 -11.00
C SER A 177 3.83 -0.05 -10.85
N VAL A 178 2.90 -0.01 -9.91
CA VAL A 178 2.18 1.23 -9.61
C VAL A 178 3.16 2.33 -9.19
N PHE A 179 4.17 1.94 -8.42
CA PHE A 179 5.22 2.84 -7.97
C PHE A 179 5.95 3.45 -9.17
N TYR A 180 6.36 2.60 -10.11
CA TYR A 180 6.99 3.08 -11.33
C TYR A 180 6.12 4.05 -12.13
N TYR A 181 4.84 3.74 -12.26
CA TYR A 181 3.96 4.54 -13.09
C TYR A 181 3.64 5.90 -12.48
N GLU A 182 3.25 5.91 -11.22
CA GLU A 182 2.74 7.10 -10.57
C GLU A 182 3.82 7.90 -9.85
N ILE A 183 4.86 7.22 -9.39
CA ILE A 183 5.88 7.89 -8.60
C ILE A 183 7.10 8.27 -9.45
N LEU A 184 7.69 7.29 -10.13
CA LEU A 184 8.84 7.56 -10.99
C LEU A 184 8.42 7.99 -12.39
N ASN A 185 7.12 7.98 -12.64
CA ASN A 185 6.58 8.37 -13.94
C ASN A 185 7.21 7.59 -15.09
N SER A 186 7.44 6.31 -14.88
CA SER A 186 8.03 5.44 -15.89
C SER A 186 7.00 4.43 -16.38
N PRO A 187 6.15 4.85 -17.33
CA PRO A 187 5.06 4.00 -17.81
C PRO A 187 5.61 2.75 -18.47
N GLU A 188 6.70 2.92 -19.22
CA GLU A 188 7.36 1.81 -19.89
C GLU A 188 7.70 0.70 -18.89
N LYS A 189 8.52 1.03 -17.88
CA LYS A 189 8.96 0.02 -16.92
C LYS A 189 7.81 -0.53 -16.08
N ALA A 190 6.83 0.31 -15.79
CA ALA A 190 5.65 -0.14 -15.07
C ALA A 190 4.96 -1.28 -15.81
N CYS A 191 4.67 -1.05 -17.09
CA CYS A 191 4.02 -2.05 -17.92
C CYS A 191 4.88 -3.29 -18.09
N SER A 192 6.19 -3.10 -18.18
CA SER A 192 7.11 -4.22 -18.32
C SER A 192 7.05 -5.15 -17.11
N LEU A 193 7.00 -4.54 -15.92
CA LEU A 193 6.99 -5.29 -14.67
C LEU A 193 5.68 -6.04 -14.51
N ALA A 194 4.57 -5.35 -14.75
CA ALA A 194 3.25 -5.98 -14.67
C ALA A 194 3.12 -7.16 -15.63
N LYS A 195 3.47 -6.94 -16.88
CA LYS A 195 3.35 -7.97 -17.92
C LYS A 195 4.23 -9.17 -17.61
N THR A 196 5.45 -8.91 -17.19
CA THR A 196 6.37 -10.00 -16.86
C THR A 196 5.84 -10.83 -15.70
N ALA A 197 5.32 -10.16 -14.67
CA ALA A 197 4.79 -10.84 -13.49
C ALA A 197 3.60 -11.73 -13.82
N PHE A 198 2.63 -11.18 -14.53
CA PHE A 198 1.45 -11.93 -14.95
C PHE A 198 1.81 -13.10 -15.86
N ASP A 199 2.76 -12.89 -16.75
CA ASP A 199 3.18 -13.92 -17.70
C ASP A 199 3.83 -15.09 -16.99
N GLU A 200 4.70 -14.79 -16.03
CA GLU A 200 5.37 -15.83 -15.26
C GLU A 200 4.35 -16.61 -14.44
N ALA A 201 3.32 -15.92 -13.94
CA ALA A 201 2.27 -16.58 -13.17
C ALA A 201 1.45 -17.52 -14.06
N ILE A 202 1.23 -17.11 -15.31
CA ILE A 202 0.49 -17.92 -16.27
C ILE A 202 1.28 -19.18 -16.64
N ALA A 203 2.60 -19.02 -16.75
CA ALA A 203 3.47 -20.13 -17.14
C ALA A 203 3.48 -21.23 -16.10
N GLU A 204 3.22 -20.88 -14.83
CA GLU A 204 3.33 -21.85 -13.75
C GLU A 204 2.06 -21.99 -12.92
N LEU A 205 0.92 -22.05 -13.59
CA LEU A 205 -0.36 -22.25 -12.92
C LEU A 205 -0.39 -23.51 -12.07
N ASP A 206 0.56 -24.40 -12.32
CA ASP A 206 0.65 -25.66 -11.57
C ASP A 206 1.16 -25.44 -10.15
N THR A 207 1.69 -24.25 -9.88
CA THR A 207 2.23 -23.94 -8.56
C THR A 207 1.15 -23.43 -7.61
N LEU A 208 -0.04 -23.18 -8.14
CA LEU A 208 -1.18 -22.77 -7.33
C LEU A 208 -1.49 -23.83 -6.28
N ASN A 209 -2.02 -23.41 -5.14
CA ASN A 209 -2.47 -24.35 -4.11
C ASN A 209 -3.84 -24.00 -3.53
N GLU A 210 -4.42 -24.95 -2.81
CA GLU A 210 -5.78 -24.82 -2.29
C GLU A 210 -6.04 -23.53 -1.51
N GLU A 211 -5.09 -23.14 -0.66
CA GLU A 211 -5.33 -22.07 0.29
C GLU A 211 -5.40 -20.67 -0.32
N SER A 212 -4.75 -20.47 -1.46
CA SER A 212 -4.61 -19.10 -1.98
C SER A 212 -4.87 -18.91 -3.48
N TYR A 213 -5.41 -19.93 -4.15
CA TYR A 213 -5.61 -19.83 -5.59
C TYR A 213 -6.58 -18.71 -5.96
N LYS A 214 -7.55 -18.45 -5.08
CA LYS A 214 -8.50 -17.37 -5.30
C LYS A 214 -7.83 -16.00 -5.26
N ASP A 215 -7.01 -15.77 -4.23
CA ASP A 215 -6.29 -14.50 -4.11
C ASP A 215 -5.30 -14.35 -5.25
N SER A 216 -4.67 -15.44 -5.63
CA SER A 216 -3.74 -15.43 -6.76
C SER A 216 -4.42 -14.94 -8.03
N THR A 217 -5.53 -15.59 -8.39
CA THR A 217 -6.24 -15.24 -9.63
C THR A 217 -6.80 -13.82 -9.59
N LEU A 218 -7.27 -13.42 -8.42
CA LEU A 218 -7.74 -12.05 -8.24
C LEU A 218 -6.62 -11.04 -8.57
N ILE A 219 -5.47 -11.21 -7.95
CA ILE A 219 -4.37 -10.28 -8.15
C ILE A 219 -3.88 -10.29 -9.60
N MET A 220 -3.88 -11.46 -10.22
CA MET A 220 -3.53 -11.55 -11.63
C MET A 220 -4.47 -10.67 -12.44
N GLN A 221 -5.74 -10.68 -12.05
CA GLN A 221 -6.76 -9.87 -12.70
C GLN A 221 -6.45 -8.38 -12.53
N LEU A 222 -6.09 -7.97 -11.32
CA LEU A 222 -5.74 -6.57 -11.07
C LEU A 222 -4.54 -6.13 -11.91
N LEU A 223 -3.60 -7.04 -12.09
CA LEU A 223 -2.41 -6.76 -12.89
C LEU A 223 -2.78 -6.47 -14.33
N ARG A 224 -3.62 -7.32 -14.91
N ARG A 224 -3.63 -7.31 -14.89
CA ARG A 224 -4.02 -7.13 -16.30
CA ARG A 224 -4.06 -7.16 -16.28
C ARG A 224 -4.91 -5.89 -16.46
C ARG A 224 -4.91 -5.91 -16.46
N ASP A 225 -5.72 -5.60 -15.46
CA ASP A 225 -6.58 -4.41 -15.47
C ASP A 225 -5.74 -3.13 -15.49
N ASN A 226 -4.77 -3.05 -14.59
CA ASN A 226 -3.85 -1.93 -14.57
C ASN A 226 -3.16 -1.79 -15.92
N LEU A 227 -2.76 -2.92 -16.49
CA LEU A 227 -2.14 -2.93 -17.81
C LEU A 227 -3.00 -2.26 -18.87
N THR A 228 -4.28 -2.63 -18.94
CA THR A 228 -5.16 -2.07 -19.96
C THR A 228 -5.39 -0.58 -19.74
N LEU A 229 -5.66 -0.22 -18.50
CA LEU A 229 -5.90 1.17 -18.12
C LEU A 229 -4.71 2.05 -18.49
N TRP A 230 -3.52 1.47 -18.44
CA TRP A 230 -2.27 2.20 -18.63
C TRP A 230 -1.86 2.30 -20.09
N THR A 231 -2.04 1.22 -20.85
CA THR A 231 -1.66 1.20 -22.25
C THR A 231 -2.68 1.96 -23.11
N SER A 232 -2.40 3.24 -23.32
CA SER A 232 -3.26 4.10 -24.13
C SER A 232 -2.66 5.51 -24.20
N ARG B 1 -15.71 -9.34 -5.20
CA ARG B 1 -14.56 -9.61 -6.06
C ARG B 1 -14.50 -8.61 -7.21
N ASP B 2 -15.65 -8.30 -7.79
CA ASP B 2 -15.73 -7.30 -8.86
C ASP B 2 -15.73 -5.91 -8.25
N LYS B 3 -16.09 -5.82 -6.98
CA LYS B 3 -16.07 -4.56 -6.24
C LYS B 3 -14.64 -4.15 -5.94
N ILE B 4 -13.79 -5.14 -5.67
CA ILE B 4 -12.36 -4.91 -5.50
C ILE B 4 -11.77 -4.34 -6.79
N ARG B 5 -12.19 -4.92 -7.91
CA ARG B 5 -11.69 -4.51 -9.22
C ARG B 5 -12.13 -3.10 -9.58
N LEU B 6 -13.36 -2.74 -9.17
CA LEU B 6 -13.90 -1.42 -9.48
C LEU B 6 -13.21 -0.36 -8.63
N ASN B 7 -13.02 -0.65 -7.35
CA ASN B 7 -12.29 0.26 -6.48
C ASN B 7 -10.88 0.52 -7.01
N ASN B 8 -10.17 -0.56 -7.34
CA ASN B 8 -8.84 -0.47 -7.90
C ASN B 8 -8.81 0.42 -9.14
N ALA B 9 -9.75 0.15 -10.04
CA ALA B 9 -9.86 0.89 -11.29
C ALA B 9 -10.01 2.38 -11.04
N ILE B 10 -10.90 2.74 -10.12
CA ILE B 10 -11.18 4.15 -9.79
C ILE B 10 -9.94 4.83 -9.22
N TRP B 11 -9.24 4.12 -8.35
CA TRP B 11 -8.09 4.66 -7.64
C TRP B 11 -6.90 4.92 -8.58
N ARG B 12 -6.75 4.09 -9.61
CA ARG B 12 -5.69 4.30 -10.61
C ARG B 12 -6.08 5.38 -11.61
N ALA B 13 -7.32 5.31 -12.07
CA ALA B 13 -7.87 6.28 -13.00
C ALA B 13 -7.74 7.69 -12.45
N TRP B 14 -7.92 7.83 -11.14
CA TRP B 14 -7.82 9.14 -10.52
C TRP B 14 -6.46 9.77 -10.78
N TYR B 15 -5.40 9.00 -10.56
CA TYR B 15 -4.06 9.51 -10.84
C TYR B 15 -3.92 9.86 -12.31
N ILE B 16 -4.46 8.99 -13.18
CA ILE B 16 -4.37 9.24 -14.61
C ILE B 16 -4.98 10.59 -15.02
N GLN B 17 -6.09 10.95 -14.39
CA GLN B 17 -6.82 12.15 -14.77
C GLN B 17 -6.27 13.43 -14.13
N TYR B 18 -5.97 13.36 -12.84
CA TYR B 18 -5.64 14.56 -12.08
C TYR B 18 -4.15 14.87 -11.96
N VAL B 19 -3.30 13.86 -12.14
CA VAL B 19 -1.86 14.06 -12.02
C VAL B 19 -1.16 14.08 -13.37
N GLN B 20 -1.74 13.41 -14.36
CA GLN B 20 -1.18 13.43 -15.70
C GLN B 20 -1.60 14.68 -16.47
N ARG B 21 -2.87 15.03 -16.41
CA ARG B 21 -3.35 16.27 -17.00
C ARG B 21 -2.94 17.46 -16.15
S SO4 C . -2.72 1.60 -3.44
O1 SO4 C . -3.75 1.93 -2.47
O2 SO4 C . -1.61 0.93 -2.76
O3 SO4 C . -3.26 0.70 -4.46
O4 SO4 C . -2.26 2.83 -4.09
S SO4 D . 8.90 -14.64 19.10
O1 SO4 D . 7.47 -14.45 18.90
O2 SO4 D . 9.19 -14.60 20.54
O3 SO4 D . 9.31 -15.91 18.55
O4 SO4 D . 9.62 -13.55 18.44
S SO4 E . 11.18 -20.07 4.39
O1 SO4 E . 11.31 -21.43 3.89
O2 SO4 E . 11.27 -20.08 5.85
O3 SO4 E . 12.28 -19.26 3.84
O4 SO4 E . 9.90 -19.51 3.97
S SO4 F . 0.48 -18.88 11.69
O1 SO4 F . -0.98 -18.82 11.58
O2 SO4 F . 0.88 -18.63 13.07
O3 SO4 F . 0.94 -20.19 11.27
O4 SO4 F . 1.07 -17.86 10.83
#